data_5M3Y
#
_entry.id   5M3Y
#
_cell.length_a   71.350
_cell.length_b   71.350
_cell.length_c   125.310
_cell.angle_alpha   90.00
_cell.angle_beta   90.00
_cell.angle_gamma   90.00
#
_symmetry.space_group_name_H-M   'P 41'
#
loop_
_entity.id
_entity.type
_entity.pdbx_description
1 polymer Angiotensinogen
2 branched beta-D-mannopyranose-(1-4)-2-acetamido-2-deoxy-beta-D-glucopyranose-(1-4)-2-acetamido-2-deoxy-beta-D-glucopyranose
3 water water
#
_entity_poly.entity_id   1
_entity_poly.type   'polypeptide(L)'
_entity_poly.pdbx_seq_one_letter_code
;DRVYIHPFHLVIHNESTCEQLAKANAGKPKDPTFIPAPIQAKTSPVDEKALQDQLVLVAAKLDTEDKLRAAMVGMLANFL
GFRIYGMHSELWGVVHGATVLSPTAVFGTLASLYLGALDHTADRLQAILGVPWKDKQCTSRLDAHKVLSALQAVQGLLVA
QGRADSQAQLLLSTVVGVFTAPGLHLKQPFVQGLALYTPVVLPRSLDFTELDVAAEKIDRFMQAVTGWKTGSSLMGASVD
STLAFNTYVHFQGKMKGFSLLAEPQEFWVDQSTSVSVPMLSGMGTFQHWSDIQDQFSVTQVPFTESASLLLIQPHYASDL
DKVEGLTFQQNSLNWMKKLSPRTIHLTMPQLVLQGSYDLQDLLAQAELPAILHTELNLQKLSNDRIRVGEVLNSIFFELE
ADEREPTESTQQLNKPEVLEVTLNRPFLFAVYDQSATALHFLGRVANPLSTAHHHHHH
;
_entity_poly.pdbx_strand_id   A
#
# COMPACT_ATOMS: atom_id res chain seq x y z
N ASP A 1 -13.65 5.33 29.72
CA ASP A 1 -14.83 4.41 29.60
C ASP A 1 -14.63 3.43 28.45
N ARG A 2 -15.46 2.39 28.41
CA ARG A 2 -15.38 1.39 27.37
C ARG A 2 -16.02 1.90 26.08
N VAL A 3 -15.47 1.45 24.95
CA VAL A 3 -15.89 1.89 23.63
C VAL A 3 -16.89 0.90 23.07
N TYR A 4 -17.90 1.43 22.36
CA TYR A 4 -18.96 0.58 21.81
C TYR A 4 -19.23 0.91 20.35
N ILE A 5 -19.11 2.20 19.98
CA ILE A 5 -19.42 2.60 18.62
C ILE A 5 -18.52 1.93 17.60
N HIS A 6 -17.36 1.43 18.02
CA HIS A 6 -16.47 0.69 17.12
C HIS A 6 -15.60 -0.23 17.96
N PRO A 7 -15.19 -1.39 17.42
CA PRO A 7 -14.38 -2.32 18.19
C PRO A 7 -12.88 -2.02 18.10
N PHE A 8 -12.53 -0.82 17.66
CA PHE A 8 -11.14 -0.44 17.47
C PHE A 8 -10.66 0.39 18.65
N HIS A 9 -10.55 -0.28 19.79
CA HIS A 9 -10.19 0.38 21.04
C HIS A 9 -8.68 0.58 21.20
N LEU A 10 -7.86 -0.13 20.43
CA LEU A 10 -6.41 -0.06 20.57
C LEU A 10 -5.76 1.01 19.70
N VAL A 11 -6.55 1.74 18.90
CA VAL A 11 -6.00 2.75 18.00
C VAL A 11 -6.34 4.16 18.44
N ILE A 12 -7.03 4.33 19.55
CA ILE A 12 -7.44 5.64 20.04
C ILE A 12 -6.64 5.99 21.28
N HIS A 13 -6.67 7.27 21.63
CA HIS A 13 -5.93 7.75 22.80
C HIS A 13 -6.50 7.14 24.08
N ASN A 14 -5.62 6.80 25.00
CA ASN A 14 -5.99 6.37 26.33
C ASN A 14 -5.94 7.56 27.28
N GLU A 15 -6.25 7.32 28.56
CA GLU A 15 -6.37 8.41 29.52
C GLU A 15 -5.03 9.12 29.73
N SER A 16 -3.96 8.36 29.93
CA SER A 16 -2.67 8.96 30.24
C SER A 16 -2.18 9.82 29.07
N THR A 17 -2.15 9.26 27.86
CA THR A 17 -1.71 10.00 26.69
C THR A 17 -2.62 11.19 26.38
N CYS A 18 -3.84 11.18 26.90
CA CYS A 18 -4.89 12.09 26.47
C CYS A 18 -5.60 12.74 27.66
N LYS A 30 7.78 26.80 20.40
CA LYS A 30 8.21 25.85 21.41
C LYS A 30 8.44 24.47 20.80
N ASP A 31 8.60 24.44 19.48
CA ASP A 31 8.82 23.20 18.74
C ASP A 31 9.97 23.44 17.77
N PRO A 32 11.05 22.66 17.83
CA PRO A 32 12.16 22.88 16.89
C PRO A 32 11.74 22.61 15.46
N THR A 33 12.30 23.39 14.54
CA THR A 33 11.99 23.28 13.12
C THR A 33 13.29 23.27 12.32
N PHE A 34 13.18 23.08 11.02
CA PHE A 34 14.35 23.00 10.16
C PHE A 34 13.90 22.99 8.70
N ILE A 35 14.81 23.40 7.83
CA ILE A 35 14.61 23.29 6.38
C ILE A 35 15.27 21.99 5.93
N PRO A 36 14.54 21.09 5.28
CA PRO A 36 15.20 19.89 4.73
C PRO A 36 16.27 20.28 3.72
N ALA A 37 17.36 19.52 3.72
CA ALA A 37 18.45 19.80 2.81
C ALA A 37 17.96 19.76 1.35
N PRO A 38 18.57 20.52 0.46
CA PRO A 38 18.15 20.46 -0.95
C PRO A 38 18.23 19.05 -1.49
N ILE A 39 17.31 18.72 -2.40
CA ILE A 39 17.19 17.35 -2.88
C ILE A 39 18.47 16.89 -3.54
N GLN A 40 19.19 17.81 -4.19
CA GLN A 40 20.42 17.44 -4.88
C GLN A 40 21.55 17.09 -3.93
N ALA A 41 21.44 17.43 -2.65
CA ALA A 41 22.45 17.07 -1.68
C ALA A 41 22.63 15.55 -1.67
N LYS A 42 23.86 15.09 -1.91
CA LYS A 42 24.12 13.67 -2.07
C LYS A 42 23.71 12.91 -0.81
N THR A 43 22.85 11.91 -0.99
CA THR A 43 22.37 11.07 0.10
C THR A 43 22.73 9.62 -0.19
N SER A 44 22.98 8.87 0.88
CA SER A 44 23.34 7.47 0.73
C SER A 44 22.15 6.66 0.24
N PRO A 45 22.38 5.62 -0.56
CA PRO A 45 21.26 4.78 -1.01
C PRO A 45 20.66 3.98 0.15
N VAL A 46 19.41 3.57 -0.05
CA VAL A 46 18.72 2.76 0.95
C VAL A 46 19.35 1.39 1.02
N ASP A 47 19.73 0.97 2.22
CA ASP A 47 20.23 -0.39 2.47
C ASP A 47 19.03 -1.25 2.81
N GLU A 48 18.38 -1.80 1.78
CA GLU A 48 17.19 -2.60 1.99
C GLU A 48 17.48 -3.77 2.92
N LYS A 49 18.58 -4.49 2.66
CA LYS A 49 18.94 -5.63 3.51
C LYS A 49 18.98 -5.23 4.97
N ALA A 50 19.62 -4.10 5.28
CA ALA A 50 19.63 -3.61 6.66
C ALA A 50 18.23 -3.25 7.12
N LEU A 51 17.42 -2.67 6.23
CA LEU A 51 16.04 -2.32 6.59
C LEU A 51 15.24 -3.56 6.94
N GLN A 52 15.40 -4.64 6.16
CA GLN A 52 14.68 -5.88 6.44
C GLN A 52 14.99 -6.36 7.85
N ASP A 53 16.27 -6.44 8.20
CA ASP A 53 16.66 -6.90 9.53
C ASP A 53 15.97 -6.09 10.62
N GLN A 54 15.89 -4.76 10.44
CA GLN A 54 15.22 -3.93 11.43
C GLN A 54 13.75 -4.27 11.54
N LEU A 55 13.12 -4.67 10.43
CA LEU A 55 11.68 -4.93 10.44
C LEU A 55 11.35 -6.24 11.14
N VAL A 56 12.17 -7.29 10.93
CA VAL A 56 11.91 -8.55 11.62
C VAL A 56 12.23 -8.39 13.10
N LEU A 57 13.22 -7.55 13.42
CA LEU A 57 13.50 -7.24 14.82
C LEU A 57 12.29 -6.55 15.46
N VAL A 58 11.72 -5.56 14.78
CA VAL A 58 10.52 -4.90 15.28
C VAL A 58 9.42 -5.92 15.55
N ALA A 59 9.23 -6.86 14.64
CA ALA A 59 8.17 -7.86 14.79
C ALA A 59 8.53 -8.92 15.81
N ALA A 60 9.80 -9.30 15.91
CA ALA A 60 10.20 -10.36 16.84
C ALA A 60 10.07 -9.92 18.28
N LYS A 61 10.26 -8.64 18.57
CA LYS A 61 10.24 -8.13 19.94
C LYS A 61 8.94 -7.44 20.30
N LEU A 62 7.88 -7.62 19.50
CA LEU A 62 6.61 -6.99 19.80
C LEU A 62 6.05 -7.49 21.13
N ASP A 63 5.38 -6.59 21.84
CA ASP A 63 4.62 -6.97 23.01
C ASP A 63 3.26 -7.53 22.60
N THR A 64 2.58 -8.17 23.56
CA THR A 64 1.30 -8.80 23.26
C THR A 64 0.30 -7.78 22.73
N GLU A 65 0.21 -6.62 23.39
CA GLU A 65 -0.76 -5.61 22.97
C GLU A 65 -0.42 -5.06 21.60
N ASP A 66 0.84 -4.68 21.38
CA ASP A 66 1.24 -4.14 20.09
C ASP A 66 0.99 -5.15 18.97
N LYS A 67 1.18 -6.43 19.26
CA LYS A 67 0.89 -7.46 18.26
C LYS A 67 -0.60 -7.51 17.93
N LEU A 68 -1.45 -7.24 18.91
CA LEU A 68 -2.89 -7.20 18.67
C LEU A 68 -3.27 -5.94 17.89
N ARG A 69 -2.63 -4.81 18.21
CA ARG A 69 -2.92 -3.58 17.49
C ARG A 69 -2.50 -3.66 16.03
N ALA A 70 -1.44 -4.41 15.74
CA ALA A 70 -1.00 -4.56 14.35
C ALA A 70 -2.07 -5.24 13.51
N ALA A 71 -2.67 -6.32 14.03
CA ALA A 71 -3.73 -6.99 13.31
C ALA A 71 -4.95 -6.08 13.15
N MET A 72 -5.22 -5.25 14.16
CA MET A 72 -6.35 -4.33 14.08
C MET A 72 -6.16 -3.32 12.97
N VAL A 73 -4.94 -2.79 12.81
CA VAL A 73 -4.66 -1.86 11.74
C VAL A 73 -4.77 -2.55 10.39
N GLY A 74 -4.22 -3.76 10.27
CA GLY A 74 -4.37 -4.51 9.04
C GLY A 74 -5.81 -4.72 8.66
N MET A 75 -6.68 -4.93 9.66
CA MET A 75 -8.11 -5.04 9.40
C MET A 75 -8.70 -3.72 8.93
N LEU A 76 -8.28 -2.61 9.56
CA LEU A 76 -8.75 -1.30 9.13
C LEU A 76 -8.28 -0.98 7.72
N ALA A 77 -7.03 -1.32 7.40
CA ALA A 77 -6.52 -1.07 6.06
C ALA A 77 -7.31 -1.85 5.02
N ASN A 78 -7.74 -3.07 5.36
CA ASN A 78 -8.54 -3.86 4.43
C ASN A 78 -9.89 -3.20 4.18
N PHE A 79 -10.54 -2.71 5.24
CA PHE A 79 -11.85 -2.08 5.07
C PHE A 79 -11.75 -0.83 4.20
N LEU A 80 -10.74 0.01 4.44
CA LEU A 80 -10.56 1.19 3.61
C LEU A 80 -10.39 0.81 2.14
N GLY A 81 -9.64 -0.26 1.88
CA GLY A 81 -9.48 -0.71 0.51
C GLY A 81 -10.78 -1.12 -0.12
N PHE A 82 -11.62 -1.85 0.61
CA PHE A 82 -12.93 -2.25 0.08
C PHE A 82 -13.79 -1.03 -0.18
N ARG A 83 -13.69 0.00 0.66
CA ARG A 83 -14.47 1.22 0.45
C ARG A 83 -14.06 1.90 -0.85
N ILE A 84 -12.74 2.04 -1.07
CA ILE A 84 -12.26 2.75 -2.25
C ILE A 84 -12.80 2.13 -3.52
N TYR A 85 -12.86 0.79 -3.58
CA TYR A 85 -13.38 0.14 -4.78
C TYR A 85 -14.87 0.40 -4.95
N GLY A 86 -15.63 0.38 -3.86
CA GLY A 86 -17.07 0.61 -3.95
C GLY A 86 -17.45 2.01 -4.38
N MET A 87 -16.53 2.97 -4.24
CA MET A 87 -16.78 4.36 -4.59
C MET A 87 -16.12 4.75 -5.92
N HIS A 88 -15.96 3.79 -6.83
CA HIS A 88 -15.31 4.04 -8.12
C HIS A 88 -16.07 3.28 -9.20
N SER A 89 -16.59 4.02 -10.19
CA SER A 89 -17.12 3.37 -11.39
C SER A 89 -15.99 2.68 -12.17
N GLU A 90 -14.87 3.37 -12.33
CA GLU A 90 -13.65 2.80 -12.89
C GLU A 90 -12.51 3.12 -11.94
N LEU A 91 -11.95 2.09 -11.30
CA LEU A 91 -10.88 2.29 -10.33
C LEU A 91 -9.52 2.41 -11.00
N TRP A 92 -9.26 1.61 -12.04
CA TRP A 92 -7.94 1.49 -12.62
C TRP A 92 -7.65 2.57 -13.66
N GLY A 93 -8.60 3.46 -13.94
CA GLY A 93 -8.31 4.63 -14.75
C GLY A 93 -7.52 5.69 -14.01
N VAL A 94 -7.60 5.69 -12.67
CA VAL A 94 -6.82 6.62 -11.86
C VAL A 94 -5.37 6.14 -11.74
N VAL A 95 -5.15 4.83 -11.72
CA VAL A 95 -3.82 4.28 -11.50
C VAL A 95 -3.03 4.37 -12.80
N HIS A 96 -1.81 4.91 -12.71
CA HIS A 96 -0.91 4.98 -13.85
C HIS A 96 0.07 3.81 -13.80
N GLY A 97 0.30 3.19 -14.95
CA GLY A 97 1.17 2.04 -15.03
C GLY A 97 0.46 0.75 -14.70
N ALA A 98 1.09 -0.09 -13.87
CA ALA A 98 0.49 -1.37 -13.50
C ALA A 98 -0.74 -1.12 -12.62
N THR A 99 -1.75 -1.98 -12.77
CA THR A 99 -2.99 -1.87 -12.01
C THR A 99 -2.82 -2.65 -10.70
N VAL A 100 -2.07 -2.05 -9.78
CA VAL A 100 -1.83 -2.62 -8.46
C VAL A 100 -2.15 -1.58 -7.40
N LEU A 101 -2.62 -2.05 -6.25
CA LEU A 101 -3.04 -1.16 -5.17
C LEU A 101 -2.59 -1.75 -3.84
N SER A 102 -2.14 -0.86 -2.95
CA SER A 102 -1.65 -1.27 -1.63
C SER A 102 -2.53 -0.66 -0.55
N PRO A 103 -3.45 -1.43 0.04
CA PRO A 103 -4.29 -0.86 1.12
C PRO A 103 -3.49 -0.38 2.32
N THR A 104 -2.42 -1.10 2.68
CA THR A 104 -1.62 -0.70 3.84
C THR A 104 -0.91 0.61 3.59
N ALA A 105 -0.43 0.84 2.35
CA ALA A 105 0.26 2.09 2.05
C ALA A 105 -0.71 3.26 2.02
N VAL A 106 -1.91 3.06 1.45
CA VAL A 106 -2.92 4.11 1.45
C VAL A 106 -3.29 4.47 2.88
N PHE A 107 -3.46 3.47 3.74
CA PHE A 107 -3.81 3.72 5.13
C PHE A 107 -2.67 4.44 5.85
N GLY A 108 -1.42 4.07 5.55
CA GLY A 108 -0.30 4.73 6.18
C GLY A 108 -0.07 6.14 5.67
N THR A 109 -0.35 6.39 4.39
CA THR A 109 -0.21 7.74 3.86
C THR A 109 -1.21 8.69 4.52
N LEU A 110 -2.45 8.24 4.69
CA LEU A 110 -3.45 9.09 5.36
C LEU A 110 -3.15 9.22 6.84
N ALA A 111 -2.75 8.12 7.49
CA ALA A 111 -2.38 8.20 8.89
C ALA A 111 -1.22 9.16 9.12
N SER A 112 -0.33 9.29 8.12
CA SER A 112 0.76 10.24 8.22
C SER A 112 0.26 11.67 8.05
N LEU A 113 -0.74 11.88 7.20
CA LEU A 113 -1.35 13.20 7.07
C LEU A 113 -2.15 13.55 8.31
N TYR A 114 -2.85 12.57 8.89
CA TYR A 114 -3.57 12.80 10.13
C TYR A 114 -2.62 13.12 11.27
N LEU A 115 -1.38 12.62 11.20
CA LEU A 115 -0.41 12.90 12.26
C LEU A 115 -0.21 14.40 12.44
N GLY A 116 -0.19 15.16 11.34
CA GLY A 116 0.07 16.58 11.40
C GLY A 116 -1.16 17.44 11.22
N ALA A 117 -2.35 16.84 11.37
CA ALA A 117 -3.60 17.54 11.16
C ALA A 117 -4.21 17.96 12.50
N LEU A 118 -5.17 18.88 12.42
CA LEU A 118 -5.82 19.40 13.62
C LEU A 118 -7.25 19.81 13.28
N ASP A 119 -8.09 19.83 14.30
CA ASP A 119 -9.46 20.35 14.20
C ASP A 119 -10.23 19.47 13.20
N HIS A 120 -11.12 20.06 12.39
CA HIS A 120 -11.95 19.26 11.49
C HIS A 120 -11.11 18.45 10.52
N THR A 121 -10.02 19.03 10.01
CA THR A 121 -9.17 18.30 9.08
C THR A 121 -8.75 16.95 9.66
N ALA A 122 -8.42 16.93 10.96
CA ALA A 122 -8.07 15.67 11.61
C ALA A 122 -9.29 14.77 11.78
N ASP A 123 -10.46 15.37 12.03
CA ASP A 123 -11.67 14.56 12.19
C ASP A 123 -12.13 13.97 10.86
N ARG A 124 -12.08 14.78 9.79
CA ARG A 124 -12.48 14.27 8.48
C ARG A 124 -11.51 13.23 7.95
N LEU A 125 -10.22 13.33 8.33
CA LEU A 125 -9.26 12.28 7.99
C LEU A 125 -9.53 11.03 8.82
N GLN A 126 -9.81 11.21 10.12
CA GLN A 126 -10.15 10.07 10.97
C GLN A 126 -11.41 9.37 10.47
N ALA A 127 -12.32 10.10 9.84
CA ALA A 127 -13.53 9.49 9.29
C ALA A 127 -13.19 8.59 8.12
N ILE A 128 -12.32 9.05 7.21
CA ILE A 128 -11.94 8.23 6.06
C ILE A 128 -11.23 6.96 6.54
N LEU A 129 -10.39 7.08 7.56
CA LEU A 129 -9.69 5.91 8.07
C LEU A 129 -10.64 4.89 8.68
N GLY A 130 -11.87 5.28 8.99
CA GLY A 130 -12.88 4.34 9.43
C GLY A 130 -13.01 4.18 10.93
N VAL A 131 -12.80 5.24 11.70
CA VAL A 131 -12.95 5.18 13.16
C VAL A 131 -13.79 6.38 13.59
N PRO A 132 -15.06 6.20 13.92
CA PRO A 132 -15.91 7.35 14.29
C PRO A 132 -15.72 7.73 15.75
N TRP A 133 -16.53 8.70 16.19
CA TRP A 133 -16.48 9.19 17.55
C TRP A 133 -17.89 9.56 17.99
N LYS A 134 -18.19 9.33 19.27
CA LYS A 134 -19.50 9.67 19.84
C LYS A 134 -19.51 11.00 20.55
N ASP A 135 -18.41 11.75 20.52
CA ASP A 135 -18.32 13.05 21.18
C ASP A 135 -17.03 13.72 20.72
N LYS A 136 -16.80 14.94 21.21
CA LYS A 136 -15.61 15.70 20.90
C LYS A 136 -14.57 15.64 22.01
N GLN A 137 -14.55 14.54 22.77
CA GLN A 137 -13.51 14.32 23.77
C GLN A 137 -12.20 13.98 23.09
N CYS A 138 -11.09 14.33 23.76
CA CYS A 138 -9.78 14.00 23.22
C CYS A 138 -9.64 12.49 23.04
N THR A 139 -10.19 11.71 23.96
CA THR A 139 -9.97 10.26 23.93
C THR A 139 -10.51 9.64 22.66
N SER A 140 -11.64 10.15 22.16
CA SER A 140 -12.29 9.53 21.00
C SER A 140 -11.42 9.57 19.76
N ARG A 141 -10.43 10.47 19.71
CA ARG A 141 -9.65 10.65 18.50
C ARG A 141 -8.58 9.57 18.36
N LEU A 142 -8.05 9.45 17.15
CA LEU A 142 -7.04 8.44 16.86
C LEU A 142 -5.69 8.83 17.46
N ASP A 143 -4.97 7.82 17.94
CA ASP A 143 -3.59 8.00 18.41
C ASP A 143 -2.66 7.73 17.23
N ALA A 144 -2.25 8.80 16.56
CA ALA A 144 -1.45 8.67 15.35
C ALA A 144 -0.17 7.88 15.61
N HIS A 145 0.47 8.09 16.76
CA HIS A 145 1.69 7.36 17.07
C HIS A 145 1.45 5.86 17.14
N LYS A 146 0.35 5.45 17.79
CA LYS A 146 0.05 4.03 17.87
C LYS A 146 -0.31 3.45 16.50
N VAL A 147 -0.95 4.24 15.64
CA VAL A 147 -1.31 3.76 14.31
C VAL A 147 -0.06 3.58 13.46
N LEU A 148 0.76 4.64 13.36
CA LEU A 148 1.97 4.56 12.55
C LEU A 148 2.92 3.48 13.06
N SER A 149 3.05 3.35 14.37
CA SER A 149 3.91 2.31 14.94
C SER A 149 3.36 0.92 14.62
N ALA A 150 2.04 0.78 14.59
CA ALA A 150 1.44 -0.52 14.30
C ALA A 150 1.60 -0.89 12.82
N LEU A 151 1.65 0.10 11.93
CA LEU A 151 1.85 -0.20 10.52
C LEU A 151 3.22 -0.81 10.28
N GLN A 152 4.26 -0.24 10.91
CA GLN A 152 5.59 -0.83 10.81
C GLN A 152 5.61 -2.25 11.37
N ALA A 153 4.74 -2.54 12.34
CA ALA A 153 4.66 -3.89 12.89
C ALA A 153 4.16 -4.88 11.85
N VAL A 154 3.16 -4.49 11.05
CA VAL A 154 2.63 -5.41 10.05
C VAL A 154 3.62 -5.54 8.90
N GLN A 155 4.44 -4.52 8.67
CA GLN A 155 5.54 -4.64 7.70
C GLN A 155 6.51 -5.73 8.14
N GLY A 156 6.88 -5.73 9.42
CA GLY A 156 7.79 -6.75 9.92
C GLY A 156 7.13 -8.12 10.01
N LEU A 157 5.86 -8.15 10.45
CA LEU A 157 5.16 -9.42 10.54
C LEU A 157 5.08 -10.12 9.19
N LEU A 158 5.11 -9.37 8.09
CA LEU A 158 5.12 -9.98 6.77
C LEU A 158 6.46 -10.62 6.48
N VAL A 159 7.55 -9.87 6.66
CA VAL A 159 8.89 -10.37 6.36
C VAL A 159 9.51 -11.12 7.53
N ALA A 160 8.83 -11.19 8.68
CA ALA A 160 9.38 -11.91 9.82
C ALA A 160 9.67 -13.37 9.49
N GLN A 161 8.86 -13.97 8.63
CA GLN A 161 9.02 -15.37 8.26
C GLN A 161 9.72 -15.50 6.91
N GLN A 169 12.75 -15.01 1.77
CA GLN A 169 11.67 -15.34 0.84
C GLN A 169 10.80 -14.13 0.54
N LEU A 170 10.82 -13.14 1.45
CA LEU A 170 10.01 -11.94 1.31
C LEU A 170 10.84 -10.71 1.60
N LEU A 171 10.60 -9.65 0.83
CA LEU A 171 11.24 -8.36 1.03
C LEU A 171 10.20 -7.27 0.85
N LEU A 172 10.06 -6.41 1.86
CA LEU A 172 9.14 -5.29 1.80
C LEU A 172 9.88 -4.05 2.29
N SER A 173 10.01 -3.05 1.41
CA SER A 173 10.70 -1.81 1.72
C SER A 173 9.75 -0.65 1.49
N THR A 174 9.50 0.12 2.54
CA THR A 174 8.61 1.28 2.49
C THR A 174 9.45 2.53 2.73
N VAL A 175 9.41 3.46 1.79
CA VAL A 175 10.14 4.72 1.86
C VAL A 175 9.17 5.87 1.72
N VAL A 176 9.35 6.90 2.55
CA VAL A 176 8.51 8.09 2.53
C VAL A 176 9.36 9.27 2.10
N GLY A 177 8.84 10.05 1.16
CA GLY A 177 9.53 11.24 0.68
C GLY A 177 8.72 12.50 0.88
N VAL A 178 9.16 13.34 1.82
CA VAL A 178 8.47 14.59 2.15
C VAL A 178 9.24 15.71 1.47
N PHE A 179 8.73 16.19 0.35
CA PHE A 179 9.39 17.23 -0.44
C PHE A 179 8.67 18.55 -0.22
N THR A 180 9.40 19.54 0.30
CA THR A 180 8.83 20.81 0.70
C THR A 180 9.39 21.94 -0.16
N ALA A 181 8.77 23.11 -0.04
CA ALA A 181 9.24 24.29 -0.76
C ALA A 181 10.45 24.90 -0.05
N PRO A 182 11.28 25.65 -0.77
CA PRO A 182 12.44 26.27 -0.13
C PRO A 182 12.01 27.31 0.89
N GLY A 183 12.53 27.19 2.11
CA GLY A 183 12.13 28.04 3.21
C GLY A 183 11.03 27.48 4.07
N LEU A 184 10.38 26.39 3.64
CA LEU A 184 9.32 25.79 4.44
C LEU A 184 9.94 25.07 5.65
N HIS A 185 9.43 25.40 6.83
CA HIS A 185 9.93 24.82 8.07
C HIS A 185 9.06 23.62 8.46
N LEU A 186 9.68 22.45 8.55
CA LEU A 186 9.00 21.24 9.01
C LEU A 186 9.25 21.05 10.50
N LYS A 187 8.17 20.86 11.26
CA LYS A 187 8.30 20.67 12.69
C LYS A 187 9.00 19.35 12.99
N GLN A 188 10.04 19.42 13.82
CA GLN A 188 10.80 18.22 14.19
C GLN A 188 9.92 17.09 14.69
N PRO A 189 9.01 17.29 15.64
CA PRO A 189 8.21 16.15 16.13
C PRO A 189 7.43 15.43 15.05
N PHE A 190 7.08 16.11 13.95
CA PHE A 190 6.35 15.45 12.87
C PHE A 190 7.21 14.41 12.19
N VAL A 191 8.41 14.81 11.75
CA VAL A 191 9.33 13.84 11.14
C VAL A 191 9.65 12.74 12.13
N GLN A 192 9.69 13.07 13.43
CA GLN A 192 9.94 12.05 14.44
C GLN A 192 8.80 11.06 14.55
N GLY A 193 7.58 11.49 14.22
CA GLY A 193 6.44 10.60 14.21
C GLY A 193 6.42 9.70 12.99
N LEU A 194 6.84 10.23 11.84
CA LEU A 194 6.92 9.41 10.64
C LEU A 194 7.91 8.27 10.81
N ALA A 195 8.94 8.47 11.63
CA ALA A 195 9.91 7.40 11.86
C ALA A 195 9.26 6.17 12.46
N LEU A 196 8.16 6.35 13.21
CA LEU A 196 7.42 5.20 13.71
C LEU A 196 6.81 4.39 12.58
N TYR A 197 6.50 5.04 11.46
CA TYR A 197 5.92 4.34 10.31
C TYR A 197 6.98 3.54 9.55
N THR A 198 8.11 4.19 9.24
CA THR A 198 9.18 3.54 8.51
C THR A 198 10.49 4.22 8.86
N PRO A 199 11.58 3.47 9.07
CA PRO A 199 12.87 4.12 9.38
C PRO A 199 13.39 4.98 8.24
N VAL A 200 12.90 4.81 7.02
CA VAL A 200 13.43 5.51 5.86
C VAL A 200 12.54 6.70 5.52
N VAL A 201 12.74 7.81 6.22
CA VAL A 201 12.06 9.07 5.94
C VAL A 201 13.07 10.00 5.27
N LEU A 202 12.67 10.61 4.16
CA LEU A 202 13.56 11.42 3.33
C LEU A 202 12.95 12.79 3.12
N PRO A 203 13.07 13.69 4.10
CA PRO A 203 12.63 15.08 3.88
C PRO A 203 13.71 15.86 3.11
N ARG A 204 13.31 16.47 2.00
CA ARG A 204 14.21 17.28 1.19
C ARG A 204 13.45 18.49 0.66
N SER A 205 14.16 19.61 0.54
CA SER A 205 13.56 20.84 0.05
C SER A 205 13.69 20.92 -1.46
N LEU A 206 12.60 21.30 -2.13
CA LEU A 206 12.56 21.37 -3.58
C LEU A 206 11.79 22.61 -4.01
N ASP A 207 12.28 23.26 -5.06
CA ASP A 207 11.63 24.45 -5.60
C ASP A 207 10.53 24.04 -6.57
N PHE A 208 9.31 24.52 -6.32
CA PHE A 208 8.13 24.12 -7.10
C PHE A 208 7.76 25.13 -8.17
N THR A 209 8.68 26.01 -8.58
CA THR A 209 8.38 26.99 -9.61
C THR A 209 8.60 26.45 -11.02
N GLU A 210 9.14 25.23 -11.16
CA GLU A 210 9.35 24.60 -12.46
C GLU A 210 9.02 23.11 -12.29
N LEU A 211 7.73 22.80 -12.40
CA LEU A 211 7.26 21.44 -12.14
C LEU A 211 7.91 20.41 -13.05
N ASP A 212 8.25 20.80 -14.29
CA ASP A 212 8.82 19.85 -15.22
C ASP A 212 10.20 19.37 -14.76
N VAL A 213 11.05 20.29 -14.33
CA VAL A 213 12.36 19.90 -13.81
C VAL A 213 12.25 19.46 -12.36
N ALA A 214 11.36 20.08 -11.58
CA ALA A 214 11.17 19.66 -10.20
C ALA A 214 10.81 18.19 -10.12
N ALA A 215 9.99 17.71 -11.05
CA ALA A 215 9.66 16.29 -11.09
C ALA A 215 10.88 15.45 -11.47
N GLU A 216 11.68 15.95 -12.43
CA GLU A 216 12.88 15.22 -12.82
C GLU A 216 13.89 15.14 -11.69
N LYS A 217 13.91 16.14 -10.80
CA LYS A 217 14.75 16.06 -9.62
C LYS A 217 14.31 14.91 -8.71
N ILE A 218 12.99 14.77 -8.52
CA ILE A 218 12.48 13.69 -7.69
C ILE A 218 12.74 12.34 -8.34
N ASP A 219 12.52 12.25 -9.65
CA ASP A 219 12.69 10.97 -10.35
C ASP A 219 14.11 10.44 -10.18
N ARG A 220 15.10 11.27 -10.50
CA ARG A 220 16.49 10.83 -10.36
C ARG A 220 16.87 10.66 -8.89
N PHE A 221 16.35 11.53 -8.02
CA PHE A 221 16.64 11.41 -6.59
C PHE A 221 16.15 10.08 -6.05
N MET A 222 14.88 9.75 -6.28
CA MET A 222 14.34 8.49 -5.79
C MET A 222 15.01 7.31 -6.47
N GLN A 223 15.29 7.41 -7.78
CA GLN A 223 15.93 6.31 -8.48
C GLN A 223 17.35 6.07 -7.96
N ALA A 224 18.07 7.15 -7.65
CA ALA A 224 19.43 7.00 -7.12
C ALA A 224 19.40 6.46 -5.70
N VAL A 225 18.46 6.93 -4.88
CA VAL A 225 18.40 6.50 -3.49
C VAL A 225 17.94 5.05 -3.38
N THR A 226 16.98 4.65 -4.22
CA THR A 226 16.35 3.34 -4.13
C THR A 226 16.77 2.38 -5.23
N GLY A 227 16.94 2.85 -6.46
CA GLY A 227 17.12 1.99 -7.59
C GLY A 227 15.84 1.60 -8.30
N TRP A 228 14.70 2.09 -7.84
CA TRP A 228 13.41 1.81 -8.46
C TRP A 228 12.95 3.02 -9.26
N LYS A 229 12.40 2.77 -10.44
CA LYS A 229 11.83 3.84 -11.25
C LYS A 229 10.38 4.09 -10.83
N THR A 230 10.00 5.37 -10.82
CA THR A 230 8.64 5.75 -10.45
C THR A 230 8.04 6.62 -11.53
N GLY A 231 8.77 7.65 -11.95
CA GLY A 231 8.37 8.49 -13.06
C GLY A 231 7.02 9.16 -12.88
N SER A 232 6.88 9.96 -11.82
CA SER A 232 5.69 10.75 -11.59
C SER A 232 6.04 12.21 -11.86
N SER A 233 5.42 12.77 -12.90
CA SER A 233 5.73 14.12 -13.35
C SER A 233 4.94 15.18 -12.59
N LEU A 234 4.47 14.88 -11.38
CA LEU A 234 3.70 15.84 -10.58
C LEU A 234 2.51 16.36 -11.39
N MET A 235 1.74 15.43 -11.95
CA MET A 235 0.65 15.78 -12.85
C MET A 235 -0.33 16.73 -12.17
N GLY A 236 -0.95 16.28 -11.07
CA GLY A 236 -1.94 17.09 -10.38
C GLY A 236 -1.38 18.29 -9.64
N ALA A 237 -0.06 18.40 -9.54
CA ALA A 237 0.54 19.50 -8.81
C ALA A 237 0.44 20.80 -9.60
N SER A 238 0.48 21.91 -8.86
CA SER A 238 0.52 23.25 -9.43
C SER A 238 1.76 23.97 -8.92
N VAL A 239 1.95 25.20 -9.41
CA VAL A 239 3.16 25.95 -9.06
C VAL A 239 3.06 26.50 -7.64
N ASP A 240 1.86 26.86 -7.18
CA ASP A 240 1.69 27.36 -5.82
C ASP A 240 1.84 26.26 -4.77
N SER A 241 2.04 25.02 -5.18
CA SER A 241 2.18 23.93 -4.21
C SER A 241 3.45 24.11 -3.38
N THR A 242 3.42 23.55 -2.17
CA THR A 242 4.54 23.64 -1.25
C THR A 242 4.90 22.31 -0.60
N LEU A 243 4.17 21.24 -0.88
CA LEU A 243 4.41 19.95 -0.23
C LEU A 243 4.05 18.83 -1.20
N ALA A 244 4.92 17.82 -1.26
CA ALA A 244 4.67 16.61 -2.04
C ALA A 244 4.97 15.42 -1.13
N PHE A 245 3.92 14.81 -0.59
CA PHE A 245 4.04 13.69 0.35
C PHE A 245 3.87 12.39 -0.44
N ASN A 246 4.98 11.68 -0.64
CA ASN A 246 4.99 10.48 -1.47
C ASN A 246 5.46 9.29 -0.66
N THR A 247 4.82 8.14 -0.89
CA THR A 247 5.18 6.88 -0.27
C THR A 247 5.58 5.90 -1.36
N TYR A 248 6.77 5.31 -1.21
CA TYR A 248 7.31 4.37 -2.19
C TYR A 248 7.49 3.03 -1.50
N VAL A 249 6.86 1.98 -2.05
CA VAL A 249 6.91 0.64 -1.49
C VAL A 249 7.42 -0.30 -2.56
N HIS A 250 8.29 -1.23 -2.15
CA HIS A 250 8.86 -2.23 -3.05
C HIS A 250 8.65 -3.61 -2.44
N PHE A 251 8.07 -4.52 -3.21
CA PHE A 251 7.81 -5.89 -2.78
C PHE A 251 8.58 -6.86 -3.67
N GLN A 252 9.10 -7.92 -3.07
CA GLN A 252 9.91 -8.90 -3.78
C GLN A 252 9.70 -10.24 -3.11
N GLY A 253 8.94 -11.12 -3.76
CA GLY A 253 8.57 -12.40 -3.18
C GLY A 253 9.16 -13.57 -3.95
N LYS A 254 9.67 -14.55 -3.21
CA LYS A 254 10.22 -15.77 -3.81
C LYS A 254 9.15 -16.85 -3.81
N MET A 255 8.94 -17.47 -4.97
CA MET A 255 7.93 -18.49 -5.15
C MET A 255 8.51 -19.84 -4.73
N LYS A 256 7.84 -20.51 -3.79
CA LYS A 256 8.31 -21.80 -3.28
C LYS A 256 8.30 -22.87 -4.36
N GLY A 257 9.49 -23.28 -4.81
CA GLY A 257 9.59 -24.38 -5.75
C GLY A 257 9.17 -24.07 -7.16
N PHE A 258 9.18 -22.80 -7.55
CA PHE A 258 8.85 -22.40 -8.91
C PHE A 258 10.11 -22.06 -9.69
N SER A 259 10.09 -22.38 -10.98
CA SER A 259 11.20 -22.11 -11.88
C SER A 259 10.70 -21.35 -13.09
N LEU A 260 11.59 -20.51 -13.64
CA LEU A 260 11.26 -19.73 -14.83
C LEU A 260 11.51 -20.57 -16.07
N LEU A 261 10.48 -20.71 -16.91
CA LEU A 261 10.60 -21.50 -18.12
C LEU A 261 11.33 -20.71 -19.20
N ALA A 262 12.21 -21.40 -19.92
CA ALA A 262 13.02 -20.74 -20.95
C ALA A 262 12.15 -20.22 -22.08
N GLU A 263 11.11 -20.96 -22.46
CA GLU A 263 10.28 -20.57 -23.59
C GLU A 263 9.05 -19.81 -23.10
N PRO A 264 8.72 -18.66 -23.67
CA PRO A 264 7.47 -17.97 -23.27
C PRO A 264 6.24 -18.76 -23.68
N GLN A 265 5.09 -18.30 -23.16
CA GLN A 265 3.80 -18.86 -23.52
C GLN A 265 2.85 -17.72 -23.84
N GLU A 266 1.71 -18.08 -24.45
CA GLU A 266 0.76 -17.08 -24.90
C GLU A 266 -0.15 -16.63 -23.77
N PHE A 267 -0.37 -15.32 -23.69
CA PHE A 267 -1.30 -14.71 -22.75
C PHE A 267 -2.34 -13.95 -23.55
N TRP A 268 -3.61 -14.32 -23.38
CA TRP A 268 -4.70 -13.76 -24.16
C TRP A 268 -5.24 -12.52 -23.45
N VAL A 269 -4.79 -11.35 -23.87
CA VAL A 269 -5.35 -10.11 -23.32
C VAL A 269 -6.81 -9.97 -23.73
N ASP A 270 -7.16 -10.47 -24.92
CA ASP A 270 -8.55 -10.54 -25.36
C ASP A 270 -8.72 -11.79 -26.20
N GLN A 271 -9.93 -11.99 -26.71
CA GLN A 271 -10.20 -13.16 -27.53
C GLN A 271 -9.36 -13.17 -28.80
N SER A 272 -9.17 -12.00 -29.41
CA SER A 272 -8.56 -11.91 -30.72
C SER A 272 -7.03 -11.85 -30.68
N THR A 273 -6.45 -11.23 -29.66
CA THR A 273 -5.02 -10.97 -29.61
C THR A 273 -4.39 -11.70 -28.42
N SER A 274 -3.16 -12.17 -28.63
CA SER A 274 -2.37 -12.81 -27.58
C SER A 274 -0.97 -12.22 -27.58
N VAL A 275 -0.23 -12.49 -26.50
CA VAL A 275 1.14 -12.01 -26.36
C VAL A 275 1.97 -13.10 -25.69
N SER A 276 3.22 -13.21 -26.11
CA SER A 276 4.15 -14.19 -25.53
C SER A 276 4.79 -13.58 -24.29
N VAL A 277 4.86 -14.35 -23.21
CA VAL A 277 5.32 -13.83 -21.92
C VAL A 277 6.17 -14.88 -21.22
N PRO A 278 7.14 -14.43 -20.42
CA PRO A 278 7.84 -15.38 -19.55
C PRO A 278 6.91 -15.90 -18.46
N MET A 279 7.01 -17.20 -18.19
CA MET A 279 6.07 -17.90 -17.31
C MET A 279 6.82 -18.59 -16.18
N LEU A 280 6.22 -18.56 -14.99
CA LEU A 280 6.69 -19.31 -13.84
C LEU A 280 5.93 -20.62 -13.74
N SER A 281 6.65 -21.70 -13.49
CA SER A 281 6.07 -23.03 -13.37
C SER A 281 6.46 -23.63 -12.02
N GLY A 282 5.47 -24.20 -11.32
CA GLY A 282 5.72 -24.81 -10.04
C GLY A 282 4.66 -25.85 -9.74
N MET A 283 5.03 -26.83 -8.92
CA MET A 283 4.14 -27.93 -8.56
C MET A 283 4.22 -28.14 -7.05
N GLY A 284 3.09 -27.97 -6.39
CA GLY A 284 3.04 -28.15 -4.94
C GLY A 284 1.61 -28.19 -4.46
N THR A 285 1.44 -28.71 -3.24
CA THR A 285 0.12 -28.80 -2.63
C THR A 285 -0.35 -27.41 -2.23
N PHE A 286 -1.35 -26.90 -2.93
CA PHE A 286 -1.84 -25.54 -2.72
C PHE A 286 -3.32 -25.58 -2.34
N GLN A 287 -3.72 -24.59 -1.54
CA GLN A 287 -5.13 -24.41 -1.20
C GLN A 287 -5.88 -23.89 -2.42
N HIS A 288 -7.03 -24.49 -2.70
CA HIS A 288 -7.78 -24.17 -3.91
C HIS A 288 -9.27 -24.23 -3.62
N TRP A 289 -10.04 -23.50 -4.43
CA TRP A 289 -11.48 -23.46 -4.31
C TRP A 289 -12.06 -22.88 -5.59
N SER A 290 -13.22 -23.41 -6.01
CA SER A 290 -13.91 -22.96 -7.21
C SER A 290 -15.35 -22.65 -6.85
N ASP A 291 -15.70 -21.36 -6.87
CA ASP A 291 -17.08 -20.94 -6.62
C ASP A 291 -17.88 -21.16 -7.88
N ILE A 292 -18.82 -22.12 -7.83
CA ILE A 292 -19.59 -22.47 -9.02
C ILE A 292 -20.66 -21.41 -9.29
N GLN A 293 -21.31 -20.92 -8.24
CA GLN A 293 -22.41 -19.97 -8.43
C GLN A 293 -21.92 -18.70 -9.10
N ASP A 294 -20.79 -18.16 -8.62
CA ASP A 294 -20.21 -16.96 -9.22
C ASP A 294 -19.19 -17.27 -10.30
N GLN A 295 -18.75 -18.52 -10.42
CA GLN A 295 -17.88 -18.95 -11.51
C GLN A 295 -16.51 -18.30 -11.42
N PHE A 296 -15.72 -18.71 -10.44
CA PHE A 296 -14.32 -18.28 -10.36
C PHE A 296 -13.57 -19.23 -9.43
N SER A 297 -12.27 -19.31 -9.63
CA SER A 297 -11.40 -20.16 -8.84
C SER A 297 -10.36 -19.33 -8.11
N VAL A 298 -10.00 -19.78 -6.91
CA VAL A 298 -9.02 -19.10 -6.06
C VAL A 298 -7.91 -20.09 -5.75
N THR A 299 -6.67 -19.71 -6.06
CA THR A 299 -5.49 -20.50 -5.75
C THR A 299 -4.61 -19.72 -4.80
N GLN A 300 -4.01 -20.44 -3.84
CA GLN A 300 -3.19 -19.84 -2.79
C GLN A 300 -1.81 -20.45 -2.84
N VAL A 301 -0.81 -19.62 -3.13
CA VAL A 301 0.60 -20.03 -3.18
C VAL A 301 1.28 -19.42 -1.95
N PRO A 302 1.66 -20.22 -0.95
CA PRO A 302 2.26 -19.63 0.26
C PRO A 302 3.67 -19.12 0.01
N PHE A 303 3.94 -17.89 0.48
CA PHE A 303 5.32 -17.43 0.63
C PHE A 303 5.91 -17.99 1.91
N THR A 304 5.19 -17.83 3.01
CA THR A 304 5.55 -18.45 4.28
C THR A 304 4.30 -19.18 4.78
N GLU A 305 4.21 -19.39 6.09
CA GLU A 305 3.04 -20.04 6.65
C GLU A 305 1.86 -19.08 6.77
N SER A 306 2.11 -17.86 7.24
CA SER A 306 1.07 -16.85 7.37
C SER A 306 1.01 -15.89 6.19
N ALA A 307 1.98 -15.94 5.29
CA ALA A 307 2.02 -15.10 4.10
C ALA A 307 1.82 -15.96 2.87
N SER A 308 0.95 -15.51 1.97
CA SER A 308 0.61 -16.31 0.79
C SER A 308 0.16 -15.39 -0.34
N LEU A 309 0.14 -15.96 -1.54
CA LEU A 309 -0.32 -15.27 -2.75
C LEU A 309 -1.65 -15.86 -3.17
N LEU A 310 -2.68 -15.02 -3.24
CA LEU A 310 -4.01 -15.44 -3.68
C LEU A 310 -4.18 -15.10 -5.16
N LEU A 311 -4.59 -16.08 -5.94
CA LEU A 311 -4.78 -15.93 -7.38
C LEU A 311 -6.22 -16.23 -7.72
N ILE A 312 -6.92 -15.22 -8.25
CA ILE A 312 -8.34 -15.33 -8.58
C ILE A 312 -8.46 -15.26 -10.10
N GLN A 313 -8.96 -16.32 -10.70
CA GLN A 313 -9.15 -16.40 -12.15
C GLN A 313 -10.63 -16.62 -12.44
N PRO A 314 -11.30 -15.74 -13.20
CA PRO A 314 -12.68 -16.03 -13.60
C PRO A 314 -12.72 -17.18 -14.60
N HIS A 315 -13.74 -18.04 -14.45
CA HIS A 315 -13.92 -19.15 -15.38
C HIS A 315 -14.05 -18.67 -16.82
N TYR A 316 -14.47 -17.43 -17.03
CA TYR A 316 -14.62 -16.85 -18.36
C TYR A 316 -14.19 -15.40 -18.31
N ALA A 317 -13.35 -15.00 -19.28
CA ALA A 317 -12.70 -13.70 -19.22
C ALA A 317 -13.71 -12.56 -19.11
N SER A 318 -14.88 -12.72 -19.72
CA SER A 318 -15.88 -11.65 -19.71
C SER A 318 -16.39 -11.31 -18.31
N ASP A 319 -16.11 -12.15 -17.32
CA ASP A 319 -16.57 -11.92 -15.95
C ASP A 319 -15.49 -11.31 -15.07
N LEU A 320 -14.47 -10.69 -15.66
CA LEU A 320 -13.37 -10.15 -14.86
C LEU A 320 -13.86 -9.04 -13.92
N ASP A 321 -14.49 -8.01 -14.48
CA ASP A 321 -14.97 -6.90 -13.66
C ASP A 321 -15.96 -7.39 -12.60
N LYS A 322 -16.76 -8.40 -12.95
CA LYS A 322 -17.72 -8.95 -11.99
C LYS A 322 -16.99 -9.61 -10.82
N VAL A 323 -16.17 -10.61 -11.12
CA VAL A 323 -15.45 -11.33 -10.06
C VAL A 323 -14.62 -10.36 -9.22
N GLU A 324 -14.07 -9.31 -9.85
CA GLU A 324 -13.32 -8.32 -9.10
C GLU A 324 -14.22 -7.62 -8.07
N GLY A 325 -15.48 -7.39 -8.43
CA GLY A 325 -16.40 -6.81 -7.47
C GLY A 325 -16.57 -7.68 -6.24
N LEU A 326 -16.56 -9.00 -6.43
CA LEU A 326 -16.63 -9.93 -5.30
C LEU A 326 -15.28 -10.07 -4.61
N THR A 327 -14.18 -9.66 -5.25
CA THR A 327 -12.88 -9.68 -4.62
C THR A 327 -12.70 -8.50 -3.67
N PHE A 328 -13.10 -7.31 -4.10
CA PHE A 328 -12.97 -6.10 -3.28
C PHE A 328 -14.18 -5.93 -2.36
N GLN A 329 -14.33 -6.90 -1.45
CA GLN A 329 -15.40 -6.86 -0.46
C GLN A 329 -14.94 -7.65 0.76
N GLN A 330 -15.73 -7.58 1.83
CA GLN A 330 -15.34 -8.24 3.08
C GLN A 330 -15.57 -9.74 3.03
N ASN A 331 -16.49 -10.23 2.20
CA ASN A 331 -16.68 -11.66 2.05
C ASN A 331 -15.51 -12.33 1.35
N SER A 332 -14.67 -11.54 0.66
CA SER A 332 -13.47 -12.12 0.06
C SER A 332 -12.60 -12.82 1.09
N LEU A 333 -12.57 -12.31 2.32
CA LEU A 333 -11.84 -12.94 3.40
C LEU A 333 -12.59 -14.12 4.01
N ASN A 334 -13.87 -14.29 3.67
CA ASN A 334 -14.63 -15.42 4.17
C ASN A 334 -14.30 -16.70 3.44
N TRP A 335 -13.89 -16.61 2.17
CA TRP A 335 -13.54 -17.81 1.40
C TRP A 335 -12.08 -18.22 1.59
N MET A 336 -11.37 -17.61 2.52
CA MET A 336 -10.12 -18.19 3.00
C MET A 336 -10.37 -19.51 3.73
N LYS A 337 -11.58 -19.70 4.26
CA LYS A 337 -11.95 -20.95 4.91
C LYS A 337 -12.43 -21.97 3.90
N LYS A 338 -13.15 -21.52 2.87
CA LYS A 338 -13.65 -22.43 1.84
C LYS A 338 -12.55 -23.10 1.05
N LEU A 339 -11.30 -22.65 1.19
CA LEU A 339 -10.20 -23.26 0.47
C LEU A 339 -9.99 -24.71 0.94
N SER A 340 -9.32 -25.49 0.10
CA SER A 340 -9.06 -26.90 0.39
C SER A 340 -7.76 -27.29 -0.27
N PRO A 341 -6.98 -28.19 0.35
CA PRO A 341 -5.74 -28.64 -0.29
C PRO A 341 -6.00 -29.36 -1.61
N ARG A 342 -5.12 -29.12 -2.57
CA ARG A 342 -5.23 -29.75 -3.89
C ARG A 342 -3.84 -29.90 -4.48
N THR A 343 -3.65 -30.99 -5.21
CA THR A 343 -2.41 -31.22 -5.95
C THR A 343 -2.50 -30.46 -7.28
N ILE A 344 -1.73 -29.38 -7.40
CA ILE A 344 -1.89 -28.43 -8.49
C ILE A 344 -0.55 -28.18 -9.16
N HIS A 345 -0.58 -27.99 -10.48
CA HIS A 345 0.57 -27.51 -11.26
C HIS A 345 0.20 -26.13 -11.79
N LEU A 346 0.78 -25.10 -11.17
CA LEU A 346 0.45 -23.72 -11.52
C LEU A 346 1.42 -23.17 -12.54
N THR A 347 0.87 -22.48 -13.54
CA THR A 347 1.65 -21.77 -14.54
C THR A 347 1.09 -20.36 -14.65
N MET A 348 1.88 -19.37 -14.25
CA MET A 348 1.44 -17.98 -14.27
C MET A 348 2.55 -17.12 -14.81
N PRO A 349 2.25 -15.89 -15.25
CA PRO A 349 3.29 -15.01 -15.78
C PRO A 349 4.22 -14.51 -14.69
N GLN A 350 5.44 -14.18 -15.09
CA GLN A 350 6.37 -13.48 -14.22
C GLN A 350 5.91 -12.04 -14.07
N LEU A 351 5.87 -11.55 -12.83
CA LEU A 351 5.34 -10.23 -12.53
C LEU A 351 6.46 -9.32 -12.03
N VAL A 352 6.78 -8.31 -12.85
CA VAL A 352 7.67 -7.22 -12.45
C VAL A 352 6.91 -5.94 -12.78
N LEU A 353 6.12 -5.45 -11.82
CA LEU A 353 5.13 -4.41 -12.06
C LEU A 353 5.56 -3.11 -11.39
N GLN A 354 5.24 -1.99 -12.05
CA GLN A 354 5.48 -0.67 -11.49
C GLN A 354 4.29 0.21 -11.82
N GLY A 355 3.68 0.80 -10.78
CA GLY A 355 2.55 1.69 -10.97
C GLY A 355 2.50 2.70 -9.85
N SER A 356 1.63 3.70 -10.03
CA SER A 356 1.47 4.75 -9.04
C SER A 356 0.06 5.32 -9.14
N TYR A 357 -0.32 6.07 -8.11
CA TYR A 357 -1.65 6.67 -8.05
C TYR A 357 -1.66 7.69 -6.92
N ASP A 358 -2.46 8.75 -7.11
CA ASP A 358 -2.61 9.80 -6.13
C ASP A 358 -3.86 9.54 -5.30
N LEU A 359 -3.72 9.64 -3.98
CA LEU A 359 -4.85 9.38 -3.09
C LEU A 359 -5.98 10.38 -3.31
N GLN A 360 -5.64 11.60 -3.75
CA GLN A 360 -6.69 12.59 -4.01
C GLN A 360 -7.62 12.13 -5.12
N ASP A 361 -7.11 11.34 -6.08
CA ASP A 361 -7.97 10.77 -7.12
C ASP A 361 -8.67 9.52 -6.62
N LEU A 362 -7.96 8.68 -5.85
CA LEU A 362 -8.61 7.50 -5.28
C LEU A 362 -9.79 7.88 -4.40
N LEU A 363 -9.57 8.84 -3.50
CA LEU A 363 -10.59 9.25 -2.53
C LEU A 363 -11.27 10.55 -2.95
N ALA A 364 -11.47 10.74 -4.25
CA ALA A 364 -12.18 11.93 -4.72
C ALA A 364 -13.64 11.90 -4.30
N GLN A 365 -14.28 10.73 -4.36
CA GLN A 365 -15.67 10.63 -3.95
C GLN A 365 -15.82 10.71 -2.43
N ALA A 366 -14.74 10.52 -1.68
CA ALA A 366 -14.72 10.78 -0.26
C ALA A 366 -14.35 12.22 0.07
N GLU A 367 -14.24 13.07 -0.95
CA GLU A 367 -13.95 14.50 -0.77
C GLU A 367 -12.58 14.73 -0.15
N LEU A 368 -11.62 13.84 -0.41
CA LEU A 368 -10.27 14.09 0.07
C LEU A 368 -9.66 15.34 -0.54
N PRO A 369 -9.79 15.60 -1.84
CA PRO A 369 -9.27 16.87 -2.38
C PRO A 369 -9.83 18.10 -1.69
N ALA A 370 -11.05 18.02 -1.17
CA ALA A 370 -11.61 19.15 -0.42
C ALA A 370 -10.99 19.27 0.95
N ILE A 371 -10.56 18.16 1.55
CA ILE A 371 -9.95 18.20 2.86
C ILE A 371 -8.53 18.75 2.78
N LEU A 372 -7.84 18.52 1.66
CA LEU A 372 -6.45 18.91 1.51
C LEU A 372 -6.27 20.27 0.83
N HIS A 373 -7.36 20.99 0.54
CA HIS A 373 -7.25 22.26 -0.15
C HIS A 373 -8.15 23.37 0.40
N THR A 374 -9.18 23.05 1.17
CA THR A 374 -10.09 24.06 1.73
C THR A 374 -10.03 24.00 3.25
N GLU A 375 -9.79 25.16 3.87
CA GLU A 375 -9.71 25.25 5.33
C GLU A 375 -8.69 24.25 5.86
N LEU A 376 -7.61 24.04 5.11
CA LEU A 376 -6.60 23.07 5.51
C LEU A 376 -5.94 23.49 6.81
N ASN A 377 -5.67 22.51 7.68
CA ASN A 377 -5.07 22.74 8.99
C ASN A 377 -4.04 21.64 9.25
N LEU A 378 -2.86 21.79 8.66
CA LEU A 378 -1.74 20.90 8.94
C LEU A 378 -0.66 21.66 9.70
N GLN A 379 -1.03 22.26 10.83
CA GLN A 379 -0.12 23.11 11.57
C GLN A 379 0.90 22.34 12.40
N LYS A 380 0.59 21.10 12.79
CA LYS A 380 1.59 20.27 13.45
C LYS A 380 2.65 19.79 12.47
N LEU A 381 2.36 19.78 11.17
CA LEU A 381 3.38 19.48 10.17
C LEU A 381 4.29 20.69 9.95
N SER A 382 3.71 21.89 9.88
CA SER A 382 4.47 23.11 9.64
C SER A 382 3.56 24.30 9.84
N ASN A 383 4.09 25.36 10.46
CA ASN A 383 3.33 26.59 10.62
C ASN A 383 3.33 27.43 9.35
N ASP A 384 4.23 27.15 8.41
CA ASP A 384 4.17 27.80 7.11
C ASP A 384 2.97 27.31 6.32
N ARG A 385 2.54 28.13 5.37
CA ARG A 385 1.35 27.79 4.58
C ARG A 385 1.62 26.56 3.71
N ILE A 386 0.72 25.60 3.77
CA ILE A 386 0.84 24.34 3.05
C ILE A 386 -0.21 24.29 1.96
N ARG A 387 0.18 23.85 0.77
CA ARG A 387 -0.75 23.62 -0.34
C ARG A 387 -0.29 22.37 -1.06
N VAL A 388 -1.09 21.31 -0.96
CA VAL A 388 -0.65 19.98 -1.37
C VAL A 388 -0.52 19.94 -2.89
N GLY A 389 0.63 19.44 -3.36
CA GLY A 389 0.84 19.22 -4.77
C GLY A 389 0.37 17.84 -5.20
N GLU A 390 0.84 16.81 -4.50
CA GLU A 390 0.39 15.45 -4.77
C GLU A 390 0.55 14.62 -3.51
N VAL A 391 -0.24 13.56 -3.42
CA VAL A 391 -0.14 12.56 -2.34
C VAL A 391 -0.05 11.22 -3.04
N LEU A 392 1.19 10.75 -3.27
CA LEU A 392 1.45 9.68 -4.21
C LEU A 392 1.74 8.36 -3.50
N ASN A 393 1.38 7.26 -4.16
CA ASN A 393 1.73 5.91 -3.74
C ASN A 393 2.38 5.20 -4.92
N SER A 394 3.69 5.02 -4.86
CA SER A 394 4.43 4.33 -5.91
C SER A 394 4.74 2.91 -5.46
N ILE A 395 4.46 1.94 -6.34
CA ILE A 395 4.58 0.53 -6.01
C ILE A 395 5.50 -0.14 -7.01
N PHE A 396 6.45 -0.93 -6.51
CA PHE A 396 7.32 -1.77 -7.32
C PHE A 396 7.12 -3.21 -6.86
N PHE A 397 6.39 -3.99 -7.66
CA PHE A 397 5.97 -5.33 -7.27
C PHE A 397 6.70 -6.35 -8.13
N GLU A 398 7.28 -7.37 -7.48
CA GLU A 398 8.09 -8.37 -8.17
C GLU A 398 7.76 -9.76 -7.66
N LEU A 399 7.68 -10.70 -8.58
CA LEU A 399 7.65 -12.14 -8.27
C LEU A 399 8.85 -12.79 -8.92
N GLU A 400 9.55 -13.63 -8.17
CA GLU A 400 10.76 -14.27 -8.64
C GLU A 400 10.69 -15.78 -8.43
N ALA A 401 11.51 -16.50 -9.18
CA ALA A 401 11.54 -17.96 -9.12
C ALA A 401 12.44 -18.41 -7.96
N ASP A 402 12.53 -19.72 -7.79
CA ASP A 402 13.34 -20.30 -6.73
C ASP A 402 14.81 -20.32 -7.12
N GLU A 417 -4.93 -36.98 -11.42
CA GLU A 417 -4.15 -36.72 -10.22
C GLU A 417 -4.00 -35.24 -9.95
N VAL A 418 -3.28 -34.55 -10.84
CA VAL A 418 -2.91 -33.15 -10.64
C VAL A 418 -3.92 -32.26 -11.35
N LEU A 419 -4.26 -31.14 -10.71
CA LEU A 419 -5.13 -30.13 -11.31
C LEU A 419 -4.25 -29.06 -11.94
N GLU A 420 -4.39 -28.87 -13.24
CA GLU A 420 -3.61 -27.88 -13.97
C GLU A 420 -4.30 -26.52 -13.89
N VAL A 421 -3.59 -25.53 -13.35
CA VAL A 421 -4.09 -24.16 -13.25
C VAL A 421 -3.14 -23.28 -14.05
N THR A 422 -3.65 -22.73 -15.15
CA THR A 422 -2.86 -21.89 -16.03
C THR A 422 -3.51 -20.51 -16.11
N LEU A 423 -2.70 -19.48 -15.89
CA LEU A 423 -3.18 -18.09 -15.94
C LEU A 423 -2.71 -17.44 -17.24
N ASN A 424 -3.22 -17.98 -18.35
CA ASN A 424 -2.94 -17.46 -19.68
C ASN A 424 -3.93 -16.39 -20.11
N ARG A 425 -4.65 -15.79 -19.16
CA ARG A 425 -5.63 -14.76 -19.45
C ARG A 425 -5.77 -13.89 -18.21
N PRO A 426 -6.36 -12.70 -18.34
CA PRO A 426 -6.39 -11.76 -17.21
C PRO A 426 -6.89 -12.42 -15.93
N PHE A 427 -6.33 -11.96 -14.80
CA PHE A 427 -6.68 -12.51 -13.50
C PHE A 427 -6.43 -11.43 -12.45
N LEU A 428 -6.81 -11.74 -11.21
CA LEU A 428 -6.60 -10.87 -10.07
C LEU A 428 -5.70 -11.58 -9.06
N PHE A 429 -4.96 -10.78 -8.29
CA PHE A 429 -4.06 -11.33 -7.28
C PHE A 429 -4.09 -10.47 -6.04
N ALA A 430 -3.74 -11.08 -4.91
CA ALA A 430 -3.68 -10.39 -3.64
C ALA A 430 -2.68 -11.10 -2.75
N VAL A 431 -1.99 -10.32 -1.92
CA VAL A 431 -1.07 -10.83 -0.91
C VAL A 431 -1.69 -10.57 0.45
N TYR A 432 -1.62 -11.58 1.32
CA TYR A 432 -2.29 -11.53 2.61
C TYR A 432 -1.41 -12.16 3.68
N ASP A 433 -1.32 -11.49 4.82
CA ASP A 433 -0.56 -11.96 5.97
C ASP A 433 -1.53 -12.29 7.10
N GLN A 434 -1.58 -13.56 7.49
CA GLN A 434 -2.49 -13.98 8.55
C GLN A 434 -2.07 -13.41 9.91
N SER A 435 -0.77 -13.20 10.12
CA SER A 435 -0.29 -12.69 11.40
C SER A 435 -0.94 -11.36 11.73
N ALA A 436 -1.09 -10.47 10.75
CA ALA A 436 -1.67 -9.16 10.95
C ALA A 436 -2.99 -9.00 10.20
N THR A 437 -3.50 -10.06 9.58
CA THR A 437 -4.75 -10.00 8.83
C THR A 437 -4.77 -8.80 7.89
N ALA A 438 -3.65 -8.59 7.20
CA ALA A 438 -3.42 -7.41 6.38
C ALA A 438 -3.31 -7.78 4.91
N LEU A 439 -3.97 -7.01 4.06
CA LEU A 439 -3.86 -7.12 2.61
C LEU A 439 -2.86 -6.06 2.15
N HIS A 440 -1.64 -6.49 1.85
CA HIS A 440 -0.60 -5.54 1.48
C HIS A 440 -0.76 -5.03 0.06
N PHE A 441 -1.27 -5.85 -0.86
CA PHE A 441 -1.46 -5.44 -2.24
C PHE A 441 -2.71 -6.08 -2.82
N LEU A 442 -3.44 -5.31 -3.63
CA LEU A 442 -4.54 -5.82 -4.43
C LEU A 442 -4.32 -5.36 -5.87
N GLY A 443 -4.21 -6.31 -6.79
CA GLY A 443 -3.82 -6.00 -8.15
C GLY A 443 -4.64 -6.75 -9.17
N ARG A 444 -4.53 -6.27 -10.42
CA ARG A 444 -5.19 -6.85 -11.57
C ARG A 444 -4.15 -6.99 -12.67
N VAL A 445 -4.13 -8.13 -13.33
CA VAL A 445 -3.13 -8.43 -14.37
C VAL A 445 -3.90 -8.67 -15.66
N ALA A 446 -4.10 -7.59 -16.43
CA ALA A 446 -4.70 -7.70 -17.76
C ALA A 446 -3.65 -7.95 -18.83
N ASN A 447 -2.41 -7.49 -18.61
CA ASN A 447 -1.31 -7.74 -19.53
C ASN A 447 -0.01 -7.82 -18.72
N PRO A 448 0.67 -8.96 -18.70
CA PRO A 448 1.88 -9.07 -17.86
C PRO A 448 2.92 -8.01 -18.15
N LEU A 449 2.98 -7.47 -19.37
CA LEU A 449 3.93 -6.43 -19.71
C LEU A 449 3.18 -5.29 -20.41
N SER A 450 3.67 -4.07 -20.21
CA SER A 450 3.03 -2.90 -20.78
C SER A 450 4.06 -1.77 -20.95
#